data_6DKY
# 
_entry.id   6DKY 
# 
_audit_conform.dict_name       mmcif_pdbx.dic 
_audit_conform.dict_version    5.399 
_audit_conform.dict_location   http://mmcif.pdb.org/dictionaries/ascii/mmcif_pdbx.dic 
# 
loop_
_database_2.database_id 
_database_2.database_code 
_database_2.pdbx_database_accession 
_database_2.pdbx_DOI 
PDB   6DKY         pdb_00006dky 10.2210/pdb6dky/pdb 
WWPDB D_1000234830 ?            ?                   
# 
loop_
_pdbx_audit_revision_history.ordinal 
_pdbx_audit_revision_history.data_content_type 
_pdbx_audit_revision_history.major_revision 
_pdbx_audit_revision_history.minor_revision 
_pdbx_audit_revision_history.revision_date 
1 'Structure model' 1 0 2018-11-07 
2 'Structure model' 1 1 2018-12-05 
3 'Structure model' 1 2 2020-01-01 
4 'Structure model' 1 3 2024-11-20 
# 
_pdbx_audit_revision_details.ordinal             1 
_pdbx_audit_revision_details.revision_ordinal    1 
_pdbx_audit_revision_details.data_content_type   'Structure model' 
_pdbx_audit_revision_details.provider            repository 
_pdbx_audit_revision_details.type                'Initial release' 
_pdbx_audit_revision_details.description         ? 
_pdbx_audit_revision_details.details             ? 
# 
loop_
_pdbx_audit_revision_group.ordinal 
_pdbx_audit_revision_group.revision_ordinal 
_pdbx_audit_revision_group.data_content_type 
_pdbx_audit_revision_group.group 
1 2 'Structure model' 'Data collection'            
2 2 'Structure model' 'Database references'        
3 3 'Structure model' 'Author supporting evidence' 
4 3 'Structure model' 'Derived calculations'       
5 4 'Structure model' 'Data collection'            
6 4 'Structure model' 'Database references'        
7 4 'Structure model' 'Derived calculations'       
8 4 'Structure model' 'Structure summary'          
# 
loop_
_pdbx_audit_revision_category.ordinal 
_pdbx_audit_revision_category.revision_ordinal 
_pdbx_audit_revision_category.data_content_type 
_pdbx_audit_revision_category.category 
1 2 'Structure model' citation                  
2 3 'Structure model' pdbx_audit_support        
3 3 'Structure model' struct_conn               
4 4 'Structure model' chem_comp_atom            
5 4 'Structure model' chem_comp_bond            
6 4 'Structure model' database_2                
7 4 'Structure model' pdbx_entry_details        
8 4 'Structure model' pdbx_modification_feature 
9 4 'Structure model' struct_conn               
# 
loop_
_pdbx_audit_revision_item.ordinal 
_pdbx_audit_revision_item.revision_ordinal 
_pdbx_audit_revision_item.data_content_type 
_pdbx_audit_revision_item.item 
1  2 'Structure model' '_citation.journal_volume'                 
2  2 'Structure model' '_citation.page_first'                     
3  2 'Structure model' '_citation.page_last'                      
4  3 'Structure model' '_pdbx_audit_support.funding_organization' 
5  3 'Structure model' '_struct_conn.pdbx_leaving_atom_flag'      
6  4 'Structure model' '_database_2.pdbx_DOI'                     
7  4 'Structure model' '_database_2.pdbx_database_accession'      
8  4 'Structure model' '_struct_conn.ptnr1_auth_comp_id'          
9  4 'Structure model' '_struct_conn.ptnr1_auth_seq_id'           
10 4 'Structure model' '_struct_conn.ptnr1_label_atom_id'         
11 4 'Structure model' '_struct_conn.ptnr1_label_comp_id'         
12 4 'Structure model' '_struct_conn.ptnr1_label_seq_id'          
13 4 'Structure model' '_struct_conn.ptnr2_auth_comp_id'          
14 4 'Structure model' '_struct_conn.ptnr2_auth_seq_id'           
15 4 'Structure model' '_struct_conn.ptnr2_label_atom_id'         
16 4 'Structure model' '_struct_conn.ptnr2_label_comp_id'         
17 4 'Structure model' '_struct_conn.ptnr2_label_seq_id'          
# 
_pdbx_database_status.status_code                     REL 
_pdbx_database_status.status_code_sf                  REL 
_pdbx_database_status.status_code_mr                  ? 
_pdbx_database_status.entry_id                        6DKY 
_pdbx_database_status.recvd_initial_deposition_date   2018-05-31 
_pdbx_database_status.SG_entry                        N 
_pdbx_database_status.deposit_site                    RCSB 
_pdbx_database_status.process_site                    RCSB 
_pdbx_database_status.status_code_cs                  ? 
_pdbx_database_status.methods_development_category    ? 
_pdbx_database_status.pdb_format_compatible           Y 
_pdbx_database_status.status_code_nmr_data            ? 
# 
loop_
_audit_author.name 
_audit_author.pdbx_ordinal 
_audit_author.identifier_ORCID 
'Wang, C.K.'    1 ? 
'Ramalho, S.D.' 2 ? 
'King, G.J.'    3 ? 
'Craik, D.J.'   4 ? 
# 
_citation.abstract                  ? 
_citation.abstract_id_CAS           ? 
_citation.book_id_ISBN              ? 
_citation.book_publisher            ? 
_citation.book_publisher_city       ? 
_citation.book_title                ? 
_citation.coordinate_linkage        ? 
_citation.country                   US 
_citation.database_id_Medline       ? 
_citation.details                   ? 
_citation.id                        primary 
_citation.journal_abbrev            'J. Nat. Prod.' 
_citation.journal_id_ASTM           ? 
_citation.journal_id_CSD            ? 
_citation.journal_id_ISSN           1520-6025 
_citation.journal_full              ? 
_citation.journal_issue             ? 
_citation.journal_volume            81 
_citation.language                  ? 
_citation.page_first                2436 
_citation.page_last                 2445 
_citation.title                     
'Synthesis, Racemic X-ray Crystallographic, and Permeability Studies of Bioactive Orbitides from Jatropha Species.' 
_citation.year                      2018 
_citation.database_id_CSD           ? 
_citation.pdbx_database_id_DOI      10.1021/acs.jnatprod.8b00447 
_citation.pdbx_database_id_PubMed   30345754 
_citation.unpublished_flag          ? 
# 
loop_
_citation_author.citation_id 
_citation_author.name 
_citation_author.ordinal 
_citation_author.identifier_ORCID 
primary 'Ramalho, S.D.' 1 0000-0001-5314-4487 
primary 'Wang, C.K.'    2 0000-0002-7973-7632 
primary 'King, G.J.'    3 ?                   
primary 'Byriel, K.A.'  4 ?                   
primary 'Huang, Y.H.'   5 0000-0001-6937-2660 
primary 'Bolzani, V.S.' 6 0000-0001-7019-5825 
primary 'Craik, D.J.'   7 0000-0003-0007-6796 
# 
loop_
_entity.id 
_entity.type 
_entity.src_method 
_entity.pdbx_description 
_entity.formula_weight 
_entity.pdbx_number_of_molecules 
_entity.pdbx_ec 
_entity.pdbx_mutation 
_entity.pdbx_fragment 
_entity.details 
1 polymer syn ILE-LEU-GLY-SER-ILE-ILE-LEU-GLY 784.986 2 ? ? ? ? 
2 water   nat water                           18.015  2 ? ? ? ? 
# 
_entity_poly.entity_id                      1 
_entity_poly.type                           'polypeptide(L)' 
_entity_poly.nstd_linkage                   no 
_entity_poly.nstd_monomer                   no 
_entity_poly.pdbx_seq_one_letter_code       ILGSIILG 
_entity_poly.pdbx_seq_one_letter_code_can   ILGSIILG 
_entity_poly.pdbx_strand_id                 A,B 
_entity_poly.pdbx_target_identifier         ? 
# 
_pdbx_entity_nonpoly.entity_id   2 
_pdbx_entity_nonpoly.name        water 
_pdbx_entity_nonpoly.comp_id     HOH 
# 
loop_
_entity_poly_seq.entity_id 
_entity_poly_seq.num 
_entity_poly_seq.mon_id 
_entity_poly_seq.hetero 
1 1 ILE n 
1 2 LEU n 
1 3 GLY n 
1 4 SER n 
1 5 ILE n 
1 6 ILE n 
1 7 LEU n 
1 8 GLY n 
# 
_pdbx_entity_src_syn.entity_id              1 
_pdbx_entity_src_syn.pdbx_src_id            1 
_pdbx_entity_src_syn.pdbx_alt_source_flag   sample 
_pdbx_entity_src_syn.pdbx_beg_seq_num       1 
_pdbx_entity_src_syn.pdbx_end_seq_num       8 
_pdbx_entity_src_syn.organism_scientific    Jatropha 
_pdbx_entity_src_syn.organism_common_name   ? 
_pdbx_entity_src_syn.ncbi_taxonomy_id       3995 
_pdbx_entity_src_syn.details                ? 
# 
loop_
_chem_comp.id 
_chem_comp.type 
_chem_comp.mon_nstd_flag 
_chem_comp.name 
_chem_comp.pdbx_synonyms 
_chem_comp.formula 
_chem_comp.formula_weight 
GLY 'peptide linking'   y GLYCINE    ? 'C2 H5 N O2'  75.067  
HOH non-polymer         . WATER      ? 'H2 O'        18.015  
ILE 'L-peptide linking' y ISOLEUCINE ? 'C6 H13 N O2' 131.173 
LEU 'L-peptide linking' y LEUCINE    ? 'C6 H13 N O2' 131.173 
SER 'L-peptide linking' y SERINE     ? 'C3 H7 N O3'  105.093 
# 
loop_
_pdbx_poly_seq_scheme.asym_id 
_pdbx_poly_seq_scheme.entity_id 
_pdbx_poly_seq_scheme.seq_id 
_pdbx_poly_seq_scheme.mon_id 
_pdbx_poly_seq_scheme.ndb_seq_num 
_pdbx_poly_seq_scheme.pdb_seq_num 
_pdbx_poly_seq_scheme.auth_seq_num 
_pdbx_poly_seq_scheme.pdb_mon_id 
_pdbx_poly_seq_scheme.auth_mon_id 
_pdbx_poly_seq_scheme.pdb_strand_id 
_pdbx_poly_seq_scheme.pdb_ins_code 
_pdbx_poly_seq_scheme.hetero 
A 1 1 ILE 1 6 1 ILE ILE A . n 
A 1 2 LEU 2 7 2 LEU LEU A . n 
A 1 3 GLY 3 8 3 GLY GLY A . n 
A 1 4 SER 4 1 4 SER SER A . n 
A 1 5 ILE 5 2 5 ILE ILE A . n 
A 1 6 ILE 6 3 6 ILE ILE A . n 
A 1 7 LEU 7 4 7 LEU LEU A . n 
A 1 8 GLY 8 5 8 GLY GLY A . n 
B 1 1 ILE 1 6 1 ILE ILE B . n 
B 1 2 LEU 2 7 2 LEU LEU B . n 
B 1 3 GLY 3 8 3 GLY GLY B . n 
B 1 4 SER 4 1 4 SER SER B . n 
B 1 5 ILE 5 2 5 ILE ILE B . n 
B 1 6 ILE 6 3 6 ILE ILE B . n 
B 1 7 LEU 7 4 7 LEU LEU B . n 
B 1 8 GLY 8 5 8 GLY GLY B . n 
# 
loop_
_pdbx_nonpoly_scheme.asym_id 
_pdbx_nonpoly_scheme.entity_id 
_pdbx_nonpoly_scheme.mon_id 
_pdbx_nonpoly_scheme.ndb_seq_num 
_pdbx_nonpoly_scheme.pdb_seq_num 
_pdbx_nonpoly_scheme.auth_seq_num 
_pdbx_nonpoly_scheme.pdb_mon_id 
_pdbx_nonpoly_scheme.auth_mon_id 
_pdbx_nonpoly_scheme.pdb_strand_id 
_pdbx_nonpoly_scheme.pdb_ins_code 
C 2 HOH 1 101 5 HOH HOH A . 
D 2 HOH 1 101 3 HOH HOH B . 
# 
loop_
_software.citation_id 
_software.classification 
_software.compiler_name 
_software.compiler_version 
_software.contact_author 
_software.contact_author_email 
_software.date 
_software.description 
_software.dependencies 
_software.hardware 
_software.language 
_software.location 
_software.mods 
_software.name 
_software.os 
_software.os_version 
_software.type 
_software.version 
_software.pdbx_ordinal 
? refinement       ? ? ? ? ? ? ? ? ? ? ? PHENIX  ? ? ? '(1.10_2142: ???)' 1 
? 'data reduction' ? ? ? ? ? ? ? ? ? ? ? XDS     ? ? ? .                  2 
? 'data scaling'   ? ? ? ? ? ? ? ? ? ? ? XDS     ? ? ? .                  3 
? phasing          ? ? ? ? ? ? ? ? ? ? ? SHELXCD ? ? ? .                  4 
# 
_cell.angle_alpha                  90.00 
_cell.angle_alpha_esd              ? 
_cell.angle_beta                   90.00 
_cell.angle_beta_esd               ? 
_cell.angle_gamma                  90.00 
_cell.angle_gamma_esd              ? 
_cell.entry_id                     6DKY 
_cell.details                      ? 
_cell.formula_units_Z              ? 
_cell.length_a                     19.142 
_cell.length_a_esd                 ? 
_cell.length_b                     23.632 
_cell.length_b_esd                 ? 
_cell.length_c                     23.851 
_cell.length_c_esd                 ? 
_cell.volume                       ? 
_cell.volume_esd                   ? 
_cell.Z_PDB                        8 
_cell.reciprocal_angle_alpha       ? 
_cell.reciprocal_angle_beta        ? 
_cell.reciprocal_angle_gamma       ? 
_cell.reciprocal_angle_alpha_esd   ? 
_cell.reciprocal_angle_beta_esd    ? 
_cell.reciprocal_angle_gamma_esd   ? 
_cell.reciprocal_length_a          ? 
_cell.reciprocal_length_b          ? 
_cell.reciprocal_length_c          ? 
_cell.reciprocal_length_a_esd      ? 
_cell.reciprocal_length_b_esd      ? 
_cell.reciprocal_length_c_esd      ? 
_cell.pdbx_unique_axis             ? 
# 
_symmetry.entry_id                         6DKY 
_symmetry.cell_setting                     ? 
_symmetry.Int_Tables_number                18 
_symmetry.space_group_name_Hall            ? 
_symmetry.space_group_name_H-M             'P 2 21 21' 
_symmetry.pdbx_full_space_group_name_H-M   ? 
# 
_exptl.absorpt_coefficient_mu     ? 
_exptl.absorpt_correction_T_max   ? 
_exptl.absorpt_correction_T_min   ? 
_exptl.absorpt_correction_type    ? 
_exptl.absorpt_process_details    ? 
_exptl.entry_id                   6DKY 
_exptl.crystals_number            1 
_exptl.details                    ? 
_exptl.method                     'X-RAY DIFFRACTION' 
_exptl.method_details             ? 
# 
_exptl_crystal.colour                      ? 
_exptl_crystal.density_diffrn              ? 
_exptl_crystal.density_Matthews            1.72 
_exptl_crystal.density_method              ? 
_exptl_crystal.density_percent_sol         28.41 
_exptl_crystal.description                 ? 
_exptl_crystal.F_000                       ? 
_exptl_crystal.id                          1 
_exptl_crystal.preparation                 ? 
_exptl_crystal.size_max                    ? 
_exptl_crystal.size_mid                    ? 
_exptl_crystal.size_min                    ? 
_exptl_crystal.size_rad                    ? 
_exptl_crystal.colour_lustre               ? 
_exptl_crystal.colour_modifier             ? 
_exptl_crystal.colour_primary              ? 
_exptl_crystal.density_meas                ? 
_exptl_crystal.density_meas_esd            ? 
_exptl_crystal.density_meas_gt             ? 
_exptl_crystal.density_meas_lt             ? 
_exptl_crystal.density_meas_temp           ? 
_exptl_crystal.density_meas_temp_esd       ? 
_exptl_crystal.density_meas_temp_gt        ? 
_exptl_crystal.density_meas_temp_lt        ? 
_exptl_crystal.pdbx_crystal_image_url      ? 
_exptl_crystal.pdbx_crystal_image_format   ? 
_exptl_crystal.pdbx_mosaicity              ? 
_exptl_crystal.pdbx_mosaicity_esd          ? 
# 
_exptl_crystal_grow.apparatus       ? 
_exptl_crystal_grow.atmosphere      ? 
_exptl_crystal_grow.crystal_id      1 
_exptl_crystal_grow.details         ? 
_exptl_crystal_grow.method          'VAPOR DIFFUSION, HANGING DROP' 
_exptl_crystal_grow.method_ref      ? 
_exptl_crystal_grow.pH              8.0 
_exptl_crystal_grow.pressure        ? 
_exptl_crystal_grow.pressure_esd    ? 
_exptl_crystal_grow.seeding         ? 
_exptl_crystal_grow.seeding_ref     ? 
_exptl_crystal_grow.temp            293 
_exptl_crystal_grow.temp_details    ? 
_exptl_crystal_grow.temp_esd        ? 
_exptl_crystal_grow.time            ? 
_exptl_crystal_grow.pdbx_details    '0.1 M Tris base (pH 8.0) and 40% 2-methyl-2,4-pentanediol (MPD)' 
_exptl_crystal_grow.pdbx_pH_range   ? 
# 
_diffrn.ambient_environment    ? 
_diffrn.ambient_temp           100 
_diffrn.ambient_temp_details   ? 
_diffrn.ambient_temp_esd       ? 
_diffrn.crystal_id             1 
_diffrn.crystal_support        ? 
_diffrn.crystal_treatment      ? 
_diffrn.details                ? 
_diffrn.id                     1 
_diffrn.ambient_pressure       ? 
_diffrn.ambient_pressure_esd   ? 
_diffrn.ambient_pressure_gt    ? 
_diffrn.ambient_pressure_lt    ? 
_diffrn.ambient_temp_gt        ? 
_diffrn.ambient_temp_lt        ? 
# 
_diffrn_detector.details                      ? 
_diffrn_detector.detector                     CCD 
_diffrn_detector.diffrn_id                    1 
_diffrn_detector.type                         'ADSC QUANTUM 315r' 
_diffrn_detector.area_resol_mean              ? 
_diffrn_detector.dtime                        ? 
_diffrn_detector.pdbx_frames_total            ? 
_diffrn_detector.pdbx_collection_time_total   ? 
_diffrn_detector.pdbx_collection_date         2017-06-26 
# 
_diffrn_radiation.collimation                      ? 
_diffrn_radiation.diffrn_id                        1 
_diffrn_radiation.filter_edge                      ? 
_diffrn_radiation.inhomogeneity                    ? 
_diffrn_radiation.monochromator                    ? 
_diffrn_radiation.polarisn_norm                    ? 
_diffrn_radiation.polarisn_ratio                   ? 
_diffrn_radiation.probe                            ? 
_diffrn_radiation.type                             ? 
_diffrn_radiation.xray_symbol                      ? 
_diffrn_radiation.wavelength_id                    1 
_diffrn_radiation.pdbx_monochromatic_or_laue_m_l   M 
_diffrn_radiation.pdbx_wavelength_list             ? 
_diffrn_radiation.pdbx_wavelength                  ? 
_diffrn_radiation.pdbx_diffrn_protocol             'SINGLE WAVELENGTH' 
_diffrn_radiation.pdbx_analyzer                    ? 
_diffrn_radiation.pdbx_scattering_type             x-ray 
# 
_diffrn_radiation_wavelength.id           1 
_diffrn_radiation_wavelength.wavelength   0.9537 
_diffrn_radiation_wavelength.wt           1.0 
# 
_diffrn_source.current                     ? 
_diffrn_source.details                     ? 
_diffrn_source.diffrn_id                   1 
_diffrn_source.power                       ? 
_diffrn_source.size                        ? 
_diffrn_source.source                      SYNCHROTRON 
_diffrn_source.target                      ? 
_diffrn_source.type                        'AUSTRALIAN SYNCHROTRON BEAMLINE MX2' 
_diffrn_source.voltage                     ? 
_diffrn_source.take-off_angle              ? 
_diffrn_source.pdbx_wavelength_list        0.9537 
_diffrn_source.pdbx_wavelength             ? 
_diffrn_source.pdbx_synchrotron_beamline   MX2 
_diffrn_source.pdbx_synchrotron_site       'Australian Synchrotron' 
# 
_reflns.B_iso_Wilson_estimate            ? 
_reflns.entry_id                         6DKY 
_reflns.data_reduction_details           ? 
_reflns.data_reduction_method            ? 
_reflns.d_resolution_high                1.239 
_reflns.d_resolution_low                 16.79 
_reflns.details                          ? 
_reflns.limit_h_max                      ? 
_reflns.limit_h_min                      ? 
_reflns.limit_k_max                      ? 
_reflns.limit_k_min                      ? 
_reflns.limit_l_max                      ? 
_reflns.limit_l_min                      ? 
_reflns.number_all                       ? 
_reflns.number_obs                       3333 
_reflns.observed_criterion               ? 
_reflns.observed_criterion_F_max         ? 
_reflns.observed_criterion_F_min         ? 
_reflns.observed_criterion_I_max         ? 
_reflns.observed_criterion_I_min         ? 
_reflns.observed_criterion_sigma_F       ? 
_reflns.observed_criterion_sigma_I       ? 
_reflns.percent_possible_obs             99.9 
_reflns.R_free_details                   ? 
_reflns.Rmerge_F_all                     ? 
_reflns.Rmerge_F_obs                     ? 
_reflns.Friedel_coverage                 ? 
_reflns.number_gt                        ? 
_reflns.threshold_expression             ? 
_reflns.pdbx_redundancy                  11.9 
_reflns.pdbx_Rmerge_I_obs                0.062 
_reflns.pdbx_Rmerge_I_all                ? 
_reflns.pdbx_Rsym_value                  ? 
_reflns.pdbx_netI_over_av_sigmaI         ? 
_reflns.pdbx_netI_over_sigmaI            18.4 
_reflns.pdbx_res_netI_over_av_sigmaI_2   ? 
_reflns.pdbx_res_netI_over_sigmaI_2      ? 
_reflns.pdbx_chi_squared                 ? 
_reflns.pdbx_scaling_rejects             ? 
_reflns.pdbx_d_res_high_opt              ? 
_reflns.pdbx_d_res_low_opt               ? 
_reflns.pdbx_d_res_opt_method            ? 
_reflns.phase_calculation_details        ? 
_reflns.pdbx_Rrim_I_all                  ? 
_reflns.pdbx_Rpim_I_all                  ? 
_reflns.pdbx_d_opt                       ? 
_reflns.pdbx_number_measured_all         ? 
_reflns.pdbx_diffrn_id                   1 
_reflns.pdbx_ordinal                     1 
_reflns.pdbx_CC_half                     ? 
_reflns.pdbx_R_split                     ? 
# 
_reflns_shell.d_res_high                  1.239 
_reflns_shell.d_res_low                   1.284 
_reflns_shell.meanI_over_sigI_all         ? 
_reflns_shell.meanI_over_sigI_obs         ? 
_reflns_shell.number_measured_all         ? 
_reflns_shell.number_measured_obs         ? 
_reflns_shell.number_possible             ? 
_reflns_shell.number_unique_all           292 
_reflns_shell.number_unique_obs           ? 
_reflns_shell.percent_possible_all        ? 
_reflns_shell.percent_possible_obs        ? 
_reflns_shell.Rmerge_F_all                ? 
_reflns_shell.Rmerge_F_obs                ? 
_reflns_shell.Rmerge_I_all                ? 
_reflns_shell.Rmerge_I_obs                0.224 
_reflns_shell.meanI_over_sigI_gt          ? 
_reflns_shell.meanI_over_uI_all           ? 
_reflns_shell.meanI_over_uI_gt            ? 
_reflns_shell.number_measured_gt          ? 
_reflns_shell.number_unique_gt            ? 
_reflns_shell.percent_possible_gt         ? 
_reflns_shell.Rmerge_F_gt                 ? 
_reflns_shell.Rmerge_I_gt                 ? 
_reflns_shell.pdbx_redundancy             ? 
_reflns_shell.pdbx_Rsym_value             ? 
_reflns_shell.pdbx_chi_squared            ? 
_reflns_shell.pdbx_netI_over_sigmaI_all   ? 
_reflns_shell.pdbx_netI_over_sigmaI_obs   ? 
_reflns_shell.pdbx_Rrim_I_all             ? 
_reflns_shell.pdbx_Rpim_I_all             ? 
_reflns_shell.pdbx_rejects                ? 
_reflns_shell.pdbx_ordinal                1 
_reflns_shell.pdbx_diffrn_id              1 
_reflns_shell.pdbx_CC_half                ? 
_reflns_shell.pdbx_R_split                ? 
# 
_refine.aniso_B[1][1]                            ? 
_refine.aniso_B[1][2]                            ? 
_refine.aniso_B[1][3]                            ? 
_refine.aniso_B[2][2]                            ? 
_refine.aniso_B[2][3]                            ? 
_refine.aniso_B[3][3]                            ? 
_refine.B_iso_max                                ? 
_refine.B_iso_mean                               ? 
_refine.B_iso_min                                ? 
_refine.correlation_coeff_Fo_to_Fc               ? 
_refine.correlation_coeff_Fo_to_Fc_free          ? 
_refine.details                                  ? 
_refine.diff_density_max                         ? 
_refine.diff_density_max_esd                     ? 
_refine.diff_density_min                         ? 
_refine.diff_density_min_esd                     ? 
_refine.diff_density_rms                         ? 
_refine.diff_density_rms_esd                     ? 
_refine.entry_id                                 6DKY 
_refine.pdbx_refine_id                           'X-RAY DIFFRACTION' 
_refine.ls_abs_structure_details                 ? 
_refine.ls_abs_structure_Flack                   ? 
_refine.ls_abs_structure_Flack_esd               ? 
_refine.ls_abs_structure_Rogers                  ? 
_refine.ls_abs_structure_Rogers_esd              ? 
_refine.ls_d_res_high                            1.239 
_refine.ls_d_res_low                             16.79 
_refine.ls_extinction_coef                       ? 
_refine.ls_extinction_coef_esd                   ? 
_refine.ls_extinction_expression                 ? 
_refine.ls_extinction_method                     ? 
_refine.ls_goodness_of_fit_all                   ? 
_refine.ls_goodness_of_fit_all_esd               ? 
_refine.ls_goodness_of_fit_obs                   ? 
_refine.ls_goodness_of_fit_obs_esd               ? 
_refine.ls_hydrogen_treatment                    ? 
_refine.ls_matrix_type                           ? 
_refine.ls_number_constraints                    ? 
_refine.ls_number_parameters                     ? 
_refine.ls_number_reflns_all                     ? 
_refine.ls_number_reflns_obs                     3327 
_refine.ls_number_reflns_R_free                  336 
_refine.ls_number_reflns_R_work                  ? 
_refine.ls_number_restraints                     ? 
_refine.ls_percent_reflns_obs                    99.49 
_refine.ls_percent_reflns_R_free                 10.10 
_refine.ls_R_factor_all                          ? 
_refine.ls_R_factor_obs                          0.1992 
_refine.ls_R_factor_R_free                       0.2226 
_refine.ls_R_factor_R_free_error                 ? 
_refine.ls_R_factor_R_free_error_details         ? 
_refine.ls_R_factor_R_work                       0.1964 
_refine.ls_R_Fsqd_factor_obs                     ? 
_refine.ls_R_I_factor_obs                        ? 
_refine.ls_redundancy_reflns_all                 ? 
_refine.ls_redundancy_reflns_obs                 ? 
_refine.ls_restrained_S_all                      ? 
_refine.ls_restrained_S_obs                      ? 
_refine.ls_shift_over_esd_max                    ? 
_refine.ls_shift_over_esd_mean                   ? 
_refine.ls_structure_factor_coef                 ? 
_refine.ls_weighting_details                     ? 
_refine.ls_weighting_scheme                      ? 
_refine.ls_wR_factor_all                         ? 
_refine.ls_wR_factor_obs                         ? 
_refine.ls_wR_factor_R_free                      ? 
_refine.ls_wR_factor_R_work                      ? 
_refine.occupancy_max                            ? 
_refine.occupancy_min                            ? 
_refine.solvent_model_details                    ? 
_refine.solvent_model_param_bsol                 ? 
_refine.solvent_model_param_ksol                 ? 
_refine.ls_R_factor_gt                           ? 
_refine.ls_goodness_of_fit_gt                    ? 
_refine.ls_goodness_of_fit_ref                   ? 
_refine.ls_shift_over_su_max                     ? 
_refine.ls_shift_over_su_max_lt                  ? 
_refine.ls_shift_over_su_mean                    ? 
_refine.ls_shift_over_su_mean_lt                 ? 
_refine.pdbx_ls_sigma_I                          ? 
_refine.pdbx_ls_sigma_F                          1.40 
_refine.pdbx_ls_sigma_Fsqd                       ? 
_refine.pdbx_data_cutoff_high_absF               ? 
_refine.pdbx_data_cutoff_high_rms_absF           ? 
_refine.pdbx_data_cutoff_low_absF                ? 
_refine.pdbx_isotropic_thermal_model             ? 
_refine.pdbx_ls_cross_valid_method               'FREE R-VALUE' 
_refine.pdbx_method_to_determine_struct          ? 
_refine.pdbx_starting_model                      ? 
_refine.pdbx_stereochemistry_target_values       ? 
_refine.pdbx_R_Free_selection_details            ? 
_refine.pdbx_stereochem_target_val_spec_case     ? 
_refine.pdbx_overall_ESU_R                       ? 
_refine.pdbx_overall_ESU_R_Free                  ? 
_refine.pdbx_solvent_vdw_probe_radii             1.11 
_refine.pdbx_solvent_ion_probe_radii             ? 
_refine.pdbx_solvent_shrinkage_radii             0.90 
_refine.pdbx_real_space_R                        ? 
_refine.pdbx_density_correlation                 ? 
_refine.pdbx_pd_number_of_powder_patterns        ? 
_refine.pdbx_pd_number_of_points                 ? 
_refine.pdbx_pd_meas_number_of_points            ? 
_refine.pdbx_pd_proc_ls_prof_R_factor            ? 
_refine.pdbx_pd_proc_ls_prof_wR_factor           ? 
_refine.pdbx_pd_Marquardt_correlation_coeff      ? 
_refine.pdbx_pd_Fsqrd_R_factor                   ? 
_refine.pdbx_pd_ls_matrix_band_width             ? 
_refine.pdbx_overall_phase_error                 25.09 
_refine.pdbx_overall_SU_R_free_Cruickshank_DPI   ? 
_refine.pdbx_overall_SU_R_free_Blow_DPI          ? 
_refine.pdbx_overall_SU_R_Blow_DPI               ? 
_refine.pdbx_TLS_residual_ADP_flag               ? 
_refine.pdbx_diffrn_id                           1 
_refine.overall_SU_B                             ? 
_refine.overall_SU_ML                            0.08 
_refine.overall_SU_R_Cruickshank_DPI             ? 
_refine.overall_SU_R_free                        ? 
_refine.overall_FOM_free_R_set                   ? 
_refine.overall_FOM_work_R_set                   ? 
_refine.pdbx_average_fsc_overall                 ? 
_refine.pdbx_average_fsc_work                    ? 
_refine.pdbx_average_fsc_free                    ? 
# 
_refine_hist.pdbx_refine_id                   'X-RAY DIFFRACTION' 
_refine_hist.cycle_id                         LAST 
_refine_hist.pdbx_number_atoms_protein        108 
_refine_hist.pdbx_number_atoms_nucleic_acid   0 
_refine_hist.pdbx_number_atoms_ligand         0 
_refine_hist.number_atoms_solvent             2 
_refine_hist.number_atoms_total               110 
_refine_hist.d_res_high                       1.239 
_refine_hist.d_res_low                        16.79 
# 
loop_
_refine_ls_restr.pdbx_refine_id 
_refine_ls_restr.criterion 
_refine_ls_restr.dev_ideal 
_refine_ls_restr.dev_ideal_target 
_refine_ls_restr.number 
_refine_ls_restr.rejects 
_refine_ls_restr.type 
_refine_ls_restr.weight 
_refine_ls_restr.pdbx_restraint_function 
'X-RAY DIFFRACTION' ? 0.019 ? 108 ? f_bond_d           ? ? 
'X-RAY DIFFRACTION' ? 1.689 ? 140 ? f_angle_d          ? ? 
'X-RAY DIFFRACTION' ? 7.445 ? 36  ? f_dihedral_angle_d ? ? 
'X-RAY DIFFRACTION' ? 0.132 ? 22  ? f_chiral_restr     ? ? 
'X-RAY DIFFRACTION' ? 0.008 ? 14  ? f_plane_restr      ? ? 
# 
loop_
_refine_ls_shell.pdbx_refine_id 
_refine_ls_shell.d_res_high 
_refine_ls_shell.d_res_low 
_refine_ls_shell.number_reflns_all 
_refine_ls_shell.number_reflns_obs 
_refine_ls_shell.number_reflns_R_free 
_refine_ls_shell.number_reflns_R_work 
_refine_ls_shell.percent_reflns_obs 
_refine_ls_shell.percent_reflns_R_free 
_refine_ls_shell.R_factor_all 
_refine_ls_shell.R_factor_obs 
_refine_ls_shell.R_factor_R_free 
_refine_ls_shell.R_factor_R_free_error 
_refine_ls_shell.R_factor_R_work 
_refine_ls_shell.redundancy_reflns_all 
_refine_ls_shell.redundancy_reflns_obs 
_refine_ls_shell.wR_factor_all 
_refine_ls_shell.wR_factor_obs 
_refine_ls_shell.wR_factor_R_free 
_refine_ls_shell.wR_factor_R_work 
_refine_ls_shell.pdbx_total_number_of_bins_used 
_refine_ls_shell.pdbx_phase_error 
_refine_ls_shell.pdbx_fsc_work 
_refine_ls_shell.pdbx_fsc_free 
'X-RAY DIFFRACTION' 1.2393 1.5613  . . 166 1445 99.00  . . . 0.2250 . 0.1921 . . . . . . . . . . 
'X-RAY DIFFRACTION' 1.5613 19.1443 . . 170 1546 100.00 . . . 0.2217 . 0.1980 . . . . . . . . . . 
# 
_struct.entry_id                     6DKY 
_struct.title                        'Crystal structure of ribifolin, an orbitide from Jatropha ribifolia' 
_struct.pdbx_model_details           ? 
_struct.pdbx_formula_weight          ? 
_struct.pdbx_formula_weight_method   ? 
_struct.pdbx_model_type_details      ? 
_struct.pdbx_CASP_flag               N 
# 
_struct_keywords.entry_id        6DKY 
_struct_keywords.text            'cyclic peptide, UNKNOWN FUNCTION' 
_struct_keywords.pdbx_keywords   'UNKNOWN FUNCTION' 
# 
loop_
_struct_asym.id 
_struct_asym.pdbx_blank_PDB_chainid_flag 
_struct_asym.pdbx_modified 
_struct_asym.entity_id 
_struct_asym.details 
A N N 1 ? 
B N N 1 ? 
C N N 2 ? 
D N N 2 ? 
# 
_struct_ref.id                         1 
_struct_ref.db_name                    PDB 
_struct_ref.db_code                    6DKY 
_struct_ref.pdbx_db_accession          6DKY 
_struct_ref.pdbx_db_isoform            ? 
_struct_ref.entity_id                  1 
_struct_ref.pdbx_seq_one_letter_code   ? 
_struct_ref.pdbx_align_begin           1 
# 
loop_
_struct_ref_seq.align_id 
_struct_ref_seq.ref_id 
_struct_ref_seq.pdbx_PDB_id_code 
_struct_ref_seq.pdbx_strand_id 
_struct_ref_seq.seq_align_beg 
_struct_ref_seq.pdbx_seq_align_beg_ins_code 
_struct_ref_seq.seq_align_end 
_struct_ref_seq.pdbx_seq_align_end_ins_code 
_struct_ref_seq.pdbx_db_accession 
_struct_ref_seq.db_align_beg 
_struct_ref_seq.pdbx_db_align_beg_ins_code 
_struct_ref_seq.db_align_end 
_struct_ref_seq.pdbx_db_align_end_ins_code 
_struct_ref_seq.pdbx_auth_seq_align_beg 
_struct_ref_seq.pdbx_auth_seq_align_end 
1 1 6DKY A 1 ? 8 ? 6DKY 6 ? 5 ? 6 5 
2 1 6DKY B 1 ? 8 ? 6DKY 6 ? 5 ? 6 5 
# 
_pdbx_struct_assembly.id                   1 
_pdbx_struct_assembly.details              author_defined_assembly 
_pdbx_struct_assembly.method_details       ? 
_pdbx_struct_assembly.oligomeric_details   dimeric 
_pdbx_struct_assembly.oligomeric_count     2 
# 
loop_
_pdbx_struct_assembly_prop.biol_id 
_pdbx_struct_assembly_prop.type 
_pdbx_struct_assembly_prop.value 
_pdbx_struct_assembly_prop.details 
1 'ABSA (A^2)' 250  ? 
1 MORE         -2   ? 
1 'SSA (A^2)'  1580 ? 
# 
_pdbx_struct_assembly_gen.assembly_id       1 
_pdbx_struct_assembly_gen.oper_expression   1 
_pdbx_struct_assembly_gen.asym_id_list      A,B,C,D 
# 
_pdbx_struct_assembly_auth_evidence.id                     1 
_pdbx_struct_assembly_auth_evidence.assembly_id            1 
_pdbx_struct_assembly_auth_evidence.experimental_support   none 
_pdbx_struct_assembly_auth_evidence.details                ? 
# 
_pdbx_struct_oper_list.id                   1 
_pdbx_struct_oper_list.type                 'identity operation' 
_pdbx_struct_oper_list.name                 1_555 
_pdbx_struct_oper_list.symmetry_operation   x,y,z 
_pdbx_struct_oper_list.matrix[1][1]         1.0000000000 
_pdbx_struct_oper_list.matrix[1][2]         0.0000000000 
_pdbx_struct_oper_list.matrix[1][3]         0.0000000000 
_pdbx_struct_oper_list.vector[1]            0.0000000000 
_pdbx_struct_oper_list.matrix[2][1]         0.0000000000 
_pdbx_struct_oper_list.matrix[2][2]         1.0000000000 
_pdbx_struct_oper_list.matrix[2][3]         0.0000000000 
_pdbx_struct_oper_list.vector[2]            0.0000000000 
_pdbx_struct_oper_list.matrix[3][1]         0.0000000000 
_pdbx_struct_oper_list.matrix[3][2]         0.0000000000 
_pdbx_struct_oper_list.matrix[3][3]         1.0000000000 
_pdbx_struct_oper_list.vector[3]            0.0000000000 
# 
loop_
_struct_conn.id 
_struct_conn.conn_type_id 
_struct_conn.pdbx_leaving_atom_flag 
_struct_conn.pdbx_PDB_id 
_struct_conn.ptnr1_label_asym_id 
_struct_conn.ptnr1_label_comp_id 
_struct_conn.ptnr1_label_seq_id 
_struct_conn.ptnr1_label_atom_id 
_struct_conn.pdbx_ptnr1_label_alt_id 
_struct_conn.pdbx_ptnr1_PDB_ins_code 
_struct_conn.pdbx_ptnr1_standard_comp_id 
_struct_conn.ptnr1_symmetry 
_struct_conn.ptnr2_label_asym_id 
_struct_conn.ptnr2_label_comp_id 
_struct_conn.ptnr2_label_seq_id 
_struct_conn.ptnr2_label_atom_id 
_struct_conn.pdbx_ptnr2_label_alt_id 
_struct_conn.pdbx_ptnr2_PDB_ins_code 
_struct_conn.ptnr1_auth_asym_id 
_struct_conn.ptnr1_auth_comp_id 
_struct_conn.ptnr1_auth_seq_id 
_struct_conn.ptnr2_auth_asym_id 
_struct_conn.ptnr2_auth_comp_id 
_struct_conn.ptnr2_auth_seq_id 
_struct_conn.ptnr2_symmetry 
_struct_conn.pdbx_ptnr3_label_atom_id 
_struct_conn.pdbx_ptnr3_label_seq_id 
_struct_conn.pdbx_ptnr3_label_comp_id 
_struct_conn.pdbx_ptnr3_label_asym_id 
_struct_conn.pdbx_ptnr3_label_alt_id 
_struct_conn.pdbx_ptnr3_PDB_ins_code 
_struct_conn.details 
_struct_conn.pdbx_dist_value 
_struct_conn.pdbx_value_order 
_struct_conn.pdbx_role 
covale1 covale both ? A GLY 8 C ? ? ? 1_555 A ILE 1 N ? ? A GLY 5 A ILE 6 1_555 ? ? ? ? ? ? ? 1.324 sing ? 
covale2 covale both ? B GLY 8 C ? ? ? 1_555 B ILE 1 N ? ? B GLY 5 B ILE 6 1_555 ? ? ? ? ? ? ? 1.319 sing ? 
# 
_struct_conn_type.id          covale 
_struct_conn_type.criteria    ? 
_struct_conn_type.reference   ? 
# 
loop_
_pdbx_modification_feature.ordinal 
_pdbx_modification_feature.label_comp_id 
_pdbx_modification_feature.label_asym_id 
_pdbx_modification_feature.label_seq_id 
_pdbx_modification_feature.label_alt_id 
_pdbx_modification_feature.modified_residue_label_comp_id 
_pdbx_modification_feature.modified_residue_label_asym_id 
_pdbx_modification_feature.modified_residue_label_seq_id 
_pdbx_modification_feature.modified_residue_label_alt_id 
_pdbx_modification_feature.auth_comp_id 
_pdbx_modification_feature.auth_asym_id 
_pdbx_modification_feature.auth_seq_id 
_pdbx_modification_feature.PDB_ins_code 
_pdbx_modification_feature.symmetry 
_pdbx_modification_feature.modified_residue_auth_comp_id 
_pdbx_modification_feature.modified_residue_auth_asym_id 
_pdbx_modification_feature.modified_residue_auth_seq_id 
_pdbx_modification_feature.modified_residue_PDB_ins_code 
_pdbx_modification_feature.modified_residue_symmetry 
_pdbx_modification_feature.comp_id_linking_atom 
_pdbx_modification_feature.modified_residue_id_linking_atom 
_pdbx_modification_feature.modified_residue_id 
_pdbx_modification_feature.ref_pcm_id 
_pdbx_modification_feature.ref_comp_id 
_pdbx_modification_feature.type 
_pdbx_modification_feature.category 
1 GLY A 8 ? ILE A 1 ? GLY A 5 ? 1_555 ILE A 6 ? 1_555 C N . . . None 'Non-standard linkage' 
2 GLY B 8 ? ILE B 1 ? GLY B 5 ? 1_555 ILE B 6 ? 1_555 C N . . . None 'Non-standard linkage' 
# 
_pdbx_entry_details.entry_id                   6DKY 
_pdbx_entry_details.compound_details           ? 
_pdbx_entry_details.source_details             ? 
_pdbx_entry_details.nonpolymer_details         ? 
_pdbx_entry_details.sequence_details           ? 
_pdbx_entry_details.has_ligand_of_interest     ? 
_pdbx_entry_details.has_protein_modification   Y 
# 
loop_
_chem_comp_atom.comp_id 
_chem_comp_atom.atom_id 
_chem_comp_atom.type_symbol 
_chem_comp_atom.pdbx_aromatic_flag 
_chem_comp_atom.pdbx_stereo_config 
_chem_comp_atom.pdbx_ordinal 
GLY N    N N N 1  
GLY CA   C N N 2  
GLY C    C N N 3  
GLY O    O N N 4  
GLY OXT  O N N 5  
GLY H    H N N 6  
GLY H2   H N N 7  
GLY HA2  H N N 8  
GLY HA3  H N N 9  
GLY HXT  H N N 10 
HOH O    O N N 11 
HOH H1   H N N 12 
HOH H2   H N N 13 
ILE N    N N N 14 
ILE CA   C N S 15 
ILE C    C N N 16 
ILE O    O N N 17 
ILE CB   C N S 18 
ILE CG1  C N N 19 
ILE CG2  C N N 20 
ILE CD1  C N N 21 
ILE OXT  O N N 22 
ILE H    H N N 23 
ILE H2   H N N 24 
ILE HA   H N N 25 
ILE HB   H N N 26 
ILE HG12 H N N 27 
ILE HG13 H N N 28 
ILE HG21 H N N 29 
ILE HG22 H N N 30 
ILE HG23 H N N 31 
ILE HD11 H N N 32 
ILE HD12 H N N 33 
ILE HD13 H N N 34 
ILE HXT  H N N 35 
LEU N    N N N 36 
LEU CA   C N S 37 
LEU C    C N N 38 
LEU O    O N N 39 
LEU CB   C N N 40 
LEU CG   C N N 41 
LEU CD1  C N N 42 
LEU CD2  C N N 43 
LEU OXT  O N N 44 
LEU H    H N N 45 
LEU H2   H N N 46 
LEU HA   H N N 47 
LEU HB2  H N N 48 
LEU HB3  H N N 49 
LEU HG   H N N 50 
LEU HD11 H N N 51 
LEU HD12 H N N 52 
LEU HD13 H N N 53 
LEU HD21 H N N 54 
LEU HD22 H N N 55 
LEU HD23 H N N 56 
LEU HXT  H N N 57 
SER N    N N N 58 
SER CA   C N S 59 
SER C    C N N 60 
SER O    O N N 61 
SER CB   C N N 62 
SER OG   O N N 63 
SER OXT  O N N 64 
SER H    H N N 65 
SER H2   H N N 66 
SER HA   H N N 67 
SER HB2  H N N 68 
SER HB3  H N N 69 
SER HG   H N N 70 
SER HXT  H N N 71 
# 
loop_
_chem_comp_bond.comp_id 
_chem_comp_bond.atom_id_1 
_chem_comp_bond.atom_id_2 
_chem_comp_bond.value_order 
_chem_comp_bond.pdbx_aromatic_flag 
_chem_comp_bond.pdbx_stereo_config 
_chem_comp_bond.pdbx_ordinal 
GLY N   CA   sing N N 1  
GLY N   H    sing N N 2  
GLY N   H2   sing N N 3  
GLY CA  C    sing N N 4  
GLY CA  HA2  sing N N 5  
GLY CA  HA3  sing N N 6  
GLY C   O    doub N N 7  
GLY C   OXT  sing N N 8  
GLY OXT HXT  sing N N 9  
HOH O   H1   sing N N 10 
HOH O   H2   sing N N 11 
ILE N   CA   sing N N 12 
ILE N   H    sing N N 13 
ILE N   H2   sing N N 14 
ILE CA  C    sing N N 15 
ILE CA  CB   sing N N 16 
ILE CA  HA   sing N N 17 
ILE C   O    doub N N 18 
ILE C   OXT  sing N N 19 
ILE CB  CG1  sing N N 20 
ILE CB  CG2  sing N N 21 
ILE CB  HB   sing N N 22 
ILE CG1 CD1  sing N N 23 
ILE CG1 HG12 sing N N 24 
ILE CG1 HG13 sing N N 25 
ILE CG2 HG21 sing N N 26 
ILE CG2 HG22 sing N N 27 
ILE CG2 HG23 sing N N 28 
ILE CD1 HD11 sing N N 29 
ILE CD1 HD12 sing N N 30 
ILE CD1 HD13 sing N N 31 
ILE OXT HXT  sing N N 32 
LEU N   CA   sing N N 33 
LEU N   H    sing N N 34 
LEU N   H2   sing N N 35 
LEU CA  C    sing N N 36 
LEU CA  CB   sing N N 37 
LEU CA  HA   sing N N 38 
LEU C   O    doub N N 39 
LEU C   OXT  sing N N 40 
LEU CB  CG   sing N N 41 
LEU CB  HB2  sing N N 42 
LEU CB  HB3  sing N N 43 
LEU CG  CD1  sing N N 44 
LEU CG  CD2  sing N N 45 
LEU CG  HG   sing N N 46 
LEU CD1 HD11 sing N N 47 
LEU CD1 HD12 sing N N 48 
LEU CD1 HD13 sing N N 49 
LEU CD2 HD21 sing N N 50 
LEU CD2 HD22 sing N N 51 
LEU CD2 HD23 sing N N 52 
LEU OXT HXT  sing N N 53 
SER N   CA   sing N N 54 
SER N   H    sing N N 55 
SER N   H2   sing N N 56 
SER CA  C    sing N N 57 
SER CA  CB   sing N N 58 
SER CA  HA   sing N N 59 
SER C   O    doub N N 60 
SER C   OXT  sing N N 61 
SER CB  OG   sing N N 62 
SER CB  HB2  sing N N 63 
SER CB  HB3  sing N N 64 
SER OG  HG   sing N N 65 
SER OXT HXT  sing N N 66 
# 
loop_
_pdbx_audit_support.funding_organization 
_pdbx_audit_support.country 
_pdbx_audit_support.grant_number 
_pdbx_audit_support.ordinal 
'Sao Paulo Research Foundation (FAPESP)' Brazil    '#2016/13148-4' 1 
'Australian Research Council (ARC)'      Australia FL150100146     2 
# 
_atom_sites.entry_id                    6DKY 
_atom_sites.fract_transf_matrix[1][1]   0.03333231 
_atom_sites.fract_transf_matrix[1][2]   -0.03188427 
_atom_sites.fract_transf_matrix[1][3]   -0.02452494 
_atom_sites.fract_transf_matrix[2][1]   -0.03207569 
_atom_sites.fract_transf_matrix[2][2]   -0.01653218 
_atom_sites.fract_transf_matrix[2][3]   -0.02210160 
_atom_sites.fract_transf_matrix[3][1]   0.00567546 
_atom_sites.fract_transf_matrix[3][2]   0.02889202 
_atom_sites.fract_transf_matrix[3][3]   -0.02984818 
_atom_sites.fract_transf_vector[1]      -1.087138 
_atom_sites.fract_transf_vector[2]      0.260180 
_atom_sites.fract_transf_vector[3]      0.366853 
# 
loop_
_atom_type.symbol 
C 
N 
O 
# 
loop_
_atom_site.group_PDB 
_atom_site.id 
_atom_site.type_symbol 
_atom_site.label_atom_id 
_atom_site.label_alt_id 
_atom_site.label_comp_id 
_atom_site.label_asym_id 
_atom_site.label_entity_id 
_atom_site.label_seq_id 
_atom_site.pdbx_PDB_ins_code 
_atom_site.Cartn_x 
_atom_site.Cartn_y 
_atom_site.Cartn_z 
_atom_site.occupancy 
_atom_site.B_iso_or_equiv 
_atom_site.pdbx_formal_charge 
_atom_site.auth_seq_id 
_atom_site.auth_comp_id 
_atom_site.auth_asym_id 
_atom_site.auth_atom_id 
_atom_site.pdbx_PDB_model_num 
ATOM   1   N N   . ILE A 1 1 ? 3.690  -2.166 -3.200 1.00 7.21  ? 6   ILE A N   1 
ATOM   2   C CA  . ILE A 1 1 ? 4.835  -2.530 -4.021 1.00 7.20  ? 6   ILE A CA  1 
ATOM   3   C C   . ILE A 1 1 ? 5.675  -3.444 -3.160 1.00 7.05  ? 6   ILE A C   1 
ATOM   4   O O   . ILE A 1 1 ? 5.385  -3.598 -1.973 1.00 6.73  ? 6   ILE A O   1 
ATOM   5   C CB  . ILE A 1 1 ? 5.639  -1.292 -4.483 1.00 7.65  ? 6   ILE A CB  1 
ATOM   6   C CG1 . ILE A 1 1 ? 6.134  -0.512 -3.285 1.00 7.58  ? 6   ILE A CG1 1 
ATOM   7   C CG2 . ILE A 1 1 ? 4.831  -0.410 -5.437 1.00 9.16  ? 6   ILE A CG2 1 
ATOM   8   C CD1 . ILE A 1 1 ? 7.227  0.479  -3.633 1.00 9.04  ? 6   ILE A CD1 1 
ATOM   9   N N   . LEU A 1 2 ? 6.738  -4.010 -3.735 1.00 6.73  ? 7   LEU A N   1 
ATOM   10  C CA  . LEU A 1 2 ? 7.703  -4.835 -3.006 1.00 7.80  ? 7   LEU A CA  1 
ATOM   11  C C   . LEU A 1 2 ? 7.039  -6.010 -2.284 1.00 7.01  ? 7   LEU A C   1 
ATOM   12  O O   . LEU A 1 2 ? 7.547  -6.486 -1.258 1.00 7.43  ? 7   LEU A O   1 
ATOM   13  C CB  . LEU A 1 2 ? 8.575  -3.997 -2.054 1.00 7.45  ? 7   LEU A CB  1 
ATOM   14  C CG  . LEU A 1 2 ? 9.517  -3.016 -2.759 1.00 8.17  ? 7   LEU A CG  1 
ATOM   15  C CD1 . LEU A 1 2 ? 10.140 -2.128 -1.739 1.00 10.40 ? 7   LEU A CD1 1 
ATOM   16  C CD2 . LEU A 1 2 ? 10.642 -3.706 -3.498 1.00 9.31  ? 7   LEU A CD2 1 
ATOM   17  N N   . GLY A 1 3 ? 5.909  -6.474 -2.811 1.00 5.93  ? 8   GLY A N   1 
ATOM   18  C CA  . GLY A 1 3 ? 5.248  -7.620 -2.230 1.00 7.54  ? 8   GLY A CA  1 
ATOM   19  C C   . GLY A 1 3 ? 4.561  -7.325 -0.919 1.00 6.75  ? 8   GLY A C   1 
ATOM   20  O O   . GLY A 1 3 ? 4.293  -8.248 -0.157 1.00 8.20  ? 8   GLY A O   1 
ATOM   21  N N   . SER A 1 4 ? 4.294  -6.088 -0.637 1.00 6.54  ? 1   SER A N   1 
ATOM   22  C CA  . SER A 1 4 ? 3.641  -5.677 0.602  1.00 6.85  ? 1   SER A CA  1 
ATOM   23  C C   . SER A 1 4 ? 2.229  -5.138 0.390  1.00 6.54  ? 1   SER A C   1 
ATOM   24  O O   . SER A 1 4 ? 1.996  -4.287 -0.395 1.00 6.28  ? 1   SER A O   1 
ATOM   25  C CB  . SER A 1 4 ? 4.488  -4.575 1.261  1.00 7.96  ? 1   SER A CB  1 
ATOM   26  O OG  . SER A 1 4 ? 3.793  -3.803 2.243  1.00 9.36  ? 1   SER A OG  1 
ATOM   27  N N   . ILE A 1 5 ? 1.302  -5.609 1.201  1.00 6.30  ? 2   ILE A N   1 
ATOM   28  C CA  . ILE A 1 5 ? -0.114 -5.146 1.249  1.00 8.44  ? 2   ILE A CA  1 
ATOM   29  C C   . ILE A 1 5 ? -0.199 -3.692 1.587  1.00 6.22  ? 2   ILE A C   1 
ATOM   30  O O   . ILE A 1 5 ? -1.003 -3.022 1.077  1.00 8.52  ? 2   ILE A O   1 
ATOM   31  C CB  . ILE A 1 5 ? -0.945 -5.931 2.386  1.00 10.20 ? 2   ILE A CB  1 
ATOM   32  C CG1 . ILE A 1 5 ? -1.093 -7.367 1.964  1.00 12.89 ? 2   ILE A CG1 1 
ATOM   33  C CG2 . ILE A 1 5 ? -2.336 -5.313 2.588  1.00 11.19 ? 2   ILE A CG2 1 
ATOM   34  C CD1 . ILE A 1 5 ? -2.075 -8.160 2.828  1.00 14.56 ? 2   ILE A CD1 1 
ATOM   35  N N   . ILE A 1 6 ? 0.628  -3.275 2.514  1.00 7.44  ? 3   ILE A N   1 
ATOM   36  C CA  . ILE A 1 6 ? 0.561  -1.864 2.946  1.00 8.22  ? 3   ILE A CA  1 
ATOM   37  C C   . ILE A 1 6 ? 1.115  -0.915 1.863  1.00 6.71  ? 3   ILE A C   1 
ATOM   38  O O   . ILE A 1 6 ? 0.590  0.101  1.639  1.00 6.98  ? 3   ILE A O   1 
ATOM   39  C CB  . ILE A 1 6 ? 1.277  -1.641 4.301  1.00 11.61 ? 3   ILE A CB  1 
ATOM   40  C CG1 . ILE A 1 6 ? 0.532  -2.413 5.368  1.00 18.03 ? 3   ILE A CG1 1 
ATOM   41  C CG2 . ILE A 1 6 ? 1.350  -0.146 4.643  1.00 16.02 ? 3   ILE A CG2 1 
ATOM   42  C CD1 . ILE A 1 6 ? 1.084  -2.291 6.746  1.00 20.10 ? 3   ILE A CD1 1 
ATOM   43  N N   . LEU A 1 7 ? 2.255  -1.274 1.279  1.00 6.83  ? 4   LEU A N   1 
ATOM   44  C CA  . LEU A 1 7 ? 2.921  -0.371 0.279  1.00 7.61  ? 4   LEU A CA  1 
ATOM   45  C C   . LEU A 1 7 ? 2.372  -0.477 -1.116 1.00 7.16  ? 4   LEU A C   1 
ATOM   46  O O   . LEU A 1 7 ? 2.550  0.410  -1.908 1.00 7.66  ? 4   LEU A O   1 
ATOM   47  C CB  . LEU A 1 7 ? 4.419  -0.638 0.241  1.00 8.58  ? 4   LEU A CB  1 
ATOM   48  C CG  . LEU A 1 7 ? 5.180  -0.414 1.539  1.00 8.93  ? 4   LEU A CG  1 
ATOM   49  C CD1 . LEU A 1 7 ? 6.670  -0.714 1.293  1.00 10.93 ? 4   LEU A CD1 1 
ATOM   50  C CD2 . LEU A 1 7 ? 5.049  0.978  2.140  1.00 12.17 ? 4   LEU A CD2 1 
ATOM   51  N N   . GLY A 1 8 ? 1.732  -1.598 -1.416 1.00 6.69  ? 5   GLY A N   1 
ATOM   52  C CA  . GLY A 1 8 ? 1.317  -1.825 -2.768 1.00 8.10  ? 5   GLY A CA  1 
ATOM   53  C C   . GLY A 1 8 ? 2.478  -2.033 -3.716 1.00 8.38  ? 5   GLY A C   1 
ATOM   54  O O   . GLY A 1 8 ? 2.249  -2.120 -4.925 1.00 10.17 ? 5   GLY A O   1 
ATOM   55  N N   . ILE B 1 1 ? -3.404 1.667  2.779  1.00 5.74  ? 6   ILE B N   1 
ATOM   56  C CA  . ILE B 1 1 ? -2.889 0.397  2.336  1.00 7.09  ? 6   ILE B CA  1 
ATOM   57  C C   . ILE B 1 1 ? -2.747 0.469  0.833  1.00 6.84  ? 6   ILE B C   1 
ATOM   58  O O   . ILE B 1 1 ? -3.176 1.449  0.230  1.00 6.23  ? 6   ILE B O   1 
ATOM   59  C CB  . ILE B 1 1 ? -3.780 -0.809 2.771  1.00 8.44  ? 6   ILE B CB  1 
ATOM   60  C CG1 . ILE B 1 1 ? -5.135 -0.734 2.094  1.00 8.79  ? 6   ILE B CG1 1 
ATOM   61  C CG2 . ILE B 1 1 ? -3.873 -0.921 4.287  1.00 10.57 ? 6   ILE B CG2 1 
ATOM   62  C CD1 . ILE B 1 1 ? -5.940 -1.966 2.246  1.00 10.64 ? 6   ILE B CD1 1 
ATOM   63  N N   . LEU B 1 2 ? -2.112 -0.551 0.253  1.00 6.87  ? 7   LEU B N   1 
ATOM   64  C CA  . LEU B 1 2 ? -1.956 -0.668 -1.183 1.00 8.12  ? 7   LEU B CA  1 
ATOM   65  C C   . LEU B 1 2 ? -1.270 0.566  -1.769 1.00 6.19  ? 7   LEU B C   1 
ATOM   66  O O   . LEU B 1 2 ? -1.525 0.964  -2.917 1.00 7.76  ? 7   LEU B O   1 
ATOM   67  C CB  . LEU B 1 2 ? -3.287 -0.965 -1.891 1.00 9.58  ? 7   LEU B CB  1 
ATOM   68  C CG  . LEU B 1 2 ? -3.978 -2.249 -1.407 1.00 11.43 ? 7   LEU B CG  1 
ATOM   69  C CD1 . LEU B 1 2 ? -5.411 -2.408 -1.924 1.00 13.96 ? 7   LEU B CD1 1 
ATOM   70  C CD2 . LEU B 1 2 ? -3.110 -3.446 -1.799 1.00 12.80 ? 7   LEU B CD2 1 
ATOM   71  N N   . GLY B 1 3 ? -0.394 1.199  -0.989 1.00 6.07  ? 8   GLY B N   1 
ATOM   72  C CA  . GLY B 1 3 ? 0.339  2.354  -1.488 1.00 8.04  ? 8   GLY B CA  1 
ATOM   73  C C   . GLY B 1 3 ? -0.497 3.581  -1.767 1.00 7.24  ? 8   GLY B C   1 
ATOM   74  O O   . GLY B 1 3 ? -0.083 4.423  -2.580 1.00 8.79  ? 8   GLY B O   1 
ATOM   75  N N   . SER B 1 4 ? -1.620 3.729  -1.089 1.00 6.01  ? 1   SER B N   1 
ATOM   76  C CA  . SER B 1 4 ? -2.495 4.876  -1.229 1.00 6.72  ? 1   SER B CA  1 
ATOM   77  C C   . SER B 1 4 ? -2.582 5.619  0.092  1.00 7.58  ? 1   SER B C   1 
ATOM   78  O O   . SER B 1 4 ? -2.887 5.016  1.128  1.00 6.20  ? 1   SER B O   1 
ATOM   79  C CB  . SER B 1 4 ? -3.891 4.428  -1.660 1.00 7.57  ? 1   SER B CB  1 
ATOM   80  O OG  . SER B 1 4 ? -4.851 5.465  -1.445 1.00 8.96  ? 1   SER B OG  1 
ATOM   81  N N   . ILE B 1 5 ? -2.335 6.931  0.074  1.00 6.74  ? 2   ILE B N   1 
ATOM   82  C CA  . ILE B 1 5 ? -2.456 7.657  1.328  1.00 8.21  ? 2   ILE B CA  1 
ATOM   83  C C   . ILE B 1 5 ? -3.897 7.827  1.730  1.00 6.21  ? 2   ILE B C   1 
ATOM   84  O O   . ILE B 1 5 ? -4.137 8.087  2.899  1.00 8.11  ? 2   ILE B O   1 
ATOM   85  C CB  . ILE B 1 5 ? -1.657 8.954  1.446  1.00 10.64 ? 2   ILE B CB  1 
ATOM   86  C CG1 . ILE B 1 5 ? -2.207 9.890  0.423  1.00 12.15 ? 2   ILE B CG1 1 
ATOM   87  C CG2 . ILE B 1 5 ? -0.115 8.728  1.375  1.00 14.91 ? 2   ILE B CG2 1 
ATOM   88  C CD1 . ILE B 1 5 ? -1.766 11.314 0.651  1.00 14.24 ? 2   ILE B CD1 1 
ATOM   89  N N   . ILE B 1 6 ? -4.841 7.658  0.812  1.00 6.51  ? 3   ILE B N   1 
ATOM   90  C CA  . ILE B 1 6 ? -6.253 7.675  1.163  1.00 8.50  ? 3   ILE B CA  1 
ATOM   91  C C   . ILE B 1 6 ? -6.663 6.379  1.872  1.00 7.93  ? 3   ILE B C   1 
ATOM   92  O O   . ILE B 1 6 ? -7.229 6.407  2.974  1.00 8.50  ? 3   ILE B O   1 
ATOM   93  C CB  . ILE B 1 6 ? -7.087 7.961  -0.095 1.00 10.44 ? 3   ILE B CB  1 
ATOM   94  C CG1 . ILE B 1 6 ? -6.728 9.337  -0.653 1.00 12.42 ? 3   ILE B CG1 1 
ATOM   95  C CG2 . ILE B 1 6 ? -8.595 7.828  0.194  1.00 13.59 ? 3   ILE B CG2 1 
ATOM   96  C CD1 . ILE B 1 6 ? -7.421 9.643  -1.941 1.00 19.07 ? 3   ILE B CD1 1 
ATOM   97  N N   . LEU B 1 7 ? -6.339 5.226  1.274  1.00 7.16  ? 4   LEU B N   1 
ATOM   98  C CA  . LEU B 1 7 ? -6.715 3.941  1.860  1.00 7.73  ? 4   LEU B CA  1 
ATOM   99  C C   . LEU B 1 7 ? -5.881 3.582  3.082  1.00 6.52  ? 4   LEU B C   1 
ATOM   100 O O   . LEU B 1 7 ? -6.347 2.803  3.918  1.00 7.54  ? 4   LEU B O   1 
ATOM   101 C CB  . LEU B 1 7 ? -6.586 2.832  0.812  1.00 8.32  ? 4   LEU B CB  1 
ATOM   102 C CG  . LEU B 1 7 ? -7.336 3.024  -0.521 1.00 8.78  ? 4   LEU B CG  1 
ATOM   103 C CD1 . LEU B 1 7 ? -7.106 1.821  -1.449 1.00 10.75 ? 4   LEU B CD1 1 
ATOM   104 C CD2 . LEU B 1 7 ? -8.818 3.321  -0.318 1.00 11.25 ? 4   LEU B CD2 1 
ATOM   105 N N   . GLY B 1 8 ? -4.636 4.060  3.169  1.00 6.50  ? 5   GLY B N   1 
ATOM   106 C CA  . GLY B 1 8 ? -3.688 3.637  4.162  1.00 7.32  ? 5   GLY B CA  1 
ATOM   107 C C   . GLY B 1 8 ? -3.001 2.319  3.853  1.00 7.48  ? 5   GLY B C   1 
ATOM   108 O O   . GLY B 1 8 ? -2.206 1.817  4.669  1.00 9.84  ? 5   GLY B O   1 
HETATM 109 O O   . HOH C 2 . ? 9.803  -6.374 0.628  1.00 19.10 ? 101 HOH A O   1 
HETATM 110 O O   . HOH D 2 . ? -9.265 1.643  3.339  1.00 21.21 ? 101 HOH B O   1 
# 
